data_8YCM
#
_entry.id   8YCM
#
_cell.length_a   55.322
_cell.length_b   97.836
_cell.length_c   98.657
_cell.angle_alpha   90.000
_cell.angle_beta   90.000
_cell.angle_gamma   90.000
#
_symmetry.space_group_name_H-M   'P 21 21 21'
#
loop_
_entity.id
_entity.type
_entity.pdbx_description
1 polymer 'Isoform 4 of Inactive serine/threonine-protein kinase 19'
2 non-polymer 'SULFATE ION'
3 water water
#
_entity_poly.entity_id   1
_entity_poly.type   'polypeptide(L)'
_entity_poly.pdbx_seq_one_letter_code
;GPLGSGEPGSARAAVSELMQLFPRGLFEDALPPIVLRSQVYSLVPDRTVADRQLKELQEQGEIRIVQLGFDLDAHGIIFT
EDYRTRVLKASDGRPYAGAVQKFLASVLPASGDLSFQQDQMTQTFGFRDSEITHLVNAGVLTVRDAGSWWLAVPGAGRFI
KYFVKGRQAVLSMVRKAKYRELLLSELLGRRAPVVVRLGLTYHVHDLIGAQLVDSISTTSGTLLRLPET
;
_entity_poly.pdbx_strand_id   A,B
#
# COMPACT_ATOMS: atom_id res chain seq x y z
N PRO A 8 -28.53 15.78 -1.63
CA PRO A 8 -29.91 15.77 -2.12
C PRO A 8 -30.04 14.53 -3.00
N GLY A 9 -29.63 13.40 -2.41
CA GLY A 9 -29.47 12.15 -3.12
C GLY A 9 -28.21 12.03 -3.97
N SER A 10 -27.27 12.95 -3.83
CA SER A 10 -26.14 13.01 -4.77
C SER A 10 -25.27 11.76 -4.69
N ALA A 11 -24.76 11.44 -3.49
CA ALA A 11 -23.90 10.27 -3.38
C ALA A 11 -24.66 8.98 -3.69
N ARG A 12 -25.92 8.89 -3.25
CA ARG A 12 -26.69 7.68 -3.55
C ARG A 12 -26.88 7.49 -5.05
N ALA A 13 -27.18 8.58 -5.77
CA ALA A 13 -27.32 8.49 -7.22
C ALA A 13 -26.00 8.11 -7.88
N ALA A 14 -24.89 8.69 -7.41
CA ALA A 14 -23.58 8.36 -7.96
C ALA A 14 -23.23 6.89 -7.73
N VAL A 15 -23.46 6.39 -6.52
CA VAL A 15 -23.18 4.97 -6.26
C VAL A 15 -23.97 4.09 -7.21
N SER A 16 -25.25 4.38 -7.43
CA SER A 16 -26.04 3.55 -8.33
C SER A 16 -25.56 3.63 -9.78
N GLU A 17 -25.13 4.81 -10.24
CA GLU A 17 -24.60 4.91 -11.60
C GLU A 17 -23.33 4.08 -11.76
N LEU A 18 -22.45 4.11 -10.76
CA LEU A 18 -21.18 3.39 -10.82
C LEU A 18 -21.39 1.89 -10.66
N MET A 19 -22.36 1.50 -9.83
CA MET A 19 -22.65 0.08 -9.65
C MET A 19 -23.08 -0.55 -10.96
N GLN A 20 -23.84 0.19 -11.77
CA GLN A 20 -24.29 -0.35 -13.03
C GLN A 20 -23.13 -0.67 -13.97
N LEU A 21 -22.00 0.01 -13.81
CA LEU A 21 -20.83 -0.25 -14.64
C LEU A 21 -20.11 -1.54 -14.27
N PHE A 22 -20.30 -2.04 -13.05
CA PHE A 22 -19.50 -3.17 -12.60
C PHE A 22 -19.86 -4.44 -13.37
N PRO A 23 -18.90 -5.11 -14.00
CA PRO A 23 -19.24 -6.36 -14.71
C PRO A 23 -19.31 -7.58 -13.80
N ARG A 24 -20.52 -7.87 -13.33
CA ARG A 24 -20.71 -8.99 -12.40
C ARG A 24 -20.22 -10.30 -13.01
N GLY A 25 -20.45 -10.50 -14.30
CA GLY A 25 -20.09 -11.76 -14.91
C GLY A 25 -18.59 -12.02 -14.99
N LEU A 26 -17.77 -10.97 -14.86
CA LEU A 26 -16.33 -11.16 -14.92
C LEU A 26 -15.87 -12.10 -13.81
N PHE A 27 -16.52 -12.04 -12.65
CA PHE A 27 -16.20 -12.90 -11.51
C PHE A 27 -17.27 -13.97 -11.33
N GLU A 28 -18.04 -14.25 -12.40
CA GLU A 28 -19.13 -15.25 -12.39
C GLU A 28 -20.12 -14.97 -11.27
N ASP A 29 -20.36 -13.68 -10.99
CA ASP A 29 -21.30 -13.22 -9.97
C ASP A 29 -20.87 -13.62 -8.56
N ALA A 30 -19.60 -14.01 -8.38
CA ALA A 30 -19.10 -14.42 -7.06
C ALA A 30 -18.79 -13.24 -6.15
N LEU A 31 -18.66 -12.04 -6.68
CA LEU A 31 -18.23 -10.91 -5.87
C LEU A 31 -19.37 -9.91 -5.85
N PRO A 32 -19.68 -9.29 -4.71
CA PRO A 32 -20.65 -8.17 -4.74
C PRO A 32 -20.09 -7.05 -5.59
N PRO A 33 -20.92 -6.35 -6.36
CA PRO A 33 -20.38 -5.20 -7.12
C PRO A 33 -19.72 -4.19 -6.20
N ILE A 34 -18.56 -3.69 -6.63
CA ILE A 34 -17.74 -2.78 -5.85
C ILE A 34 -17.58 -1.45 -6.60
N VAL A 35 -17.77 -0.34 -5.91
N VAL A 35 -17.80 -0.34 -5.90
CA VAL A 35 -17.40 0.97 -6.46
CA VAL A 35 -17.47 0.99 -6.41
C VAL A 35 -16.42 1.61 -5.47
C VAL A 35 -16.41 1.57 -5.48
N LEU A 36 -15.55 2.46 -5.99
CA LEU A 36 -14.50 3.05 -5.17
C LEU A 36 -14.86 4.48 -4.77
N ARG A 37 -14.40 4.88 -3.58
CA ARG A 37 -14.72 6.23 -3.11
C ARG A 37 -14.29 7.29 -4.11
N SER A 38 -13.11 7.13 -4.72
CA SER A 38 -12.69 8.18 -5.63
C SER A 38 -13.56 8.26 -6.87
N GLN A 39 -14.17 7.14 -7.28
CA GLN A 39 -15.14 7.22 -8.38
C GLN A 39 -16.33 8.09 -8.02
N VAL A 40 -16.78 8.03 -6.76
CA VAL A 40 -17.89 8.89 -6.36
C VAL A 40 -17.51 10.34 -6.52
N TYR A 41 -16.24 10.70 -6.23
CA TYR A 41 -15.81 12.08 -6.39
C TYR A 41 -15.82 12.55 -7.83
N SER A 42 -15.70 11.64 -8.80
CA SER A 42 -15.85 12.05 -10.19
C SER A 42 -17.24 12.61 -10.44
N LEU A 43 -18.27 11.98 -9.86
CA LEU A 43 -19.65 12.38 -10.07
C LEU A 43 -20.16 13.40 -9.06
N VAL A 44 -19.54 13.46 -7.88
CA VAL A 44 -19.87 14.37 -6.79
C VAL A 44 -18.57 15.07 -6.41
N PRO A 45 -18.19 16.11 -7.15
CA PRO A 45 -16.84 16.68 -7.02
C PRO A 45 -16.55 17.38 -5.70
N ASP A 46 -17.56 17.80 -4.95
CA ASP A 46 -17.35 18.31 -3.60
C ASP A 46 -17.12 17.13 -2.70
N ARG A 47 -15.85 16.91 -2.44
CA ARG A 47 -15.47 15.79 -1.55
C ARG A 47 -16.15 15.81 -0.14
N THR A 48 -16.52 17.01 0.34
CA THR A 48 -16.99 17.02 1.71
C THR A 48 -18.43 16.59 1.69
N VAL A 49 -19.19 17.05 0.69
CA VAL A 49 -20.56 16.61 0.49
C VAL A 49 -20.60 15.11 0.23
N ALA A 50 -19.75 14.64 -0.69
CA ALA A 50 -19.71 13.22 -0.99
C ALA A 50 -19.43 12.41 0.26
N ASP A 51 -18.40 12.80 1.03
CA ASP A 51 -18.06 12.04 2.22
C ASP A 51 -19.19 12.07 3.25
N ARG A 52 -19.83 13.23 3.43
CA ARG A 52 -20.92 13.34 4.39
C ARG A 52 -22.07 12.41 4.01
N GLN A 53 -22.46 12.42 2.73
CA GLN A 53 -23.59 11.60 2.30
C GLN A 53 -23.24 10.11 2.35
N LEU A 54 -21.99 9.76 2.03
CA LEU A 54 -21.59 8.36 2.17
C LEU A 54 -21.63 7.93 3.63
N LYS A 55 -21.21 8.80 4.54
CA LYS A 55 -21.28 8.50 5.95
C LYS A 55 -22.72 8.30 6.39
N GLU A 56 -23.64 9.11 5.86
CA GLU A 56 -25.07 8.94 6.19
C GLU A 56 -25.58 7.59 5.70
N LEU A 57 -25.17 7.15 4.51
CA LEU A 57 -25.57 5.84 4.02
C LEU A 57 -24.99 4.73 4.89
N GLN A 58 -23.75 4.90 5.36
CA GLN A 58 -23.12 3.92 6.25
C GLN A 58 -23.88 3.86 7.57
N GLU A 59 -24.30 5.00 8.09
CA GLU A 59 -25.01 4.98 9.37
C GLU A 59 -26.47 4.54 9.25
N GLN A 60 -27.05 4.62 8.05
CA GLN A 60 -28.37 4.08 7.79
C GLN A 60 -28.31 2.59 7.47
N GLY A 61 -27.10 2.00 7.49
CA GLY A 61 -26.90 0.57 7.30
C GLY A 61 -26.96 0.05 5.88
N GLU A 62 -26.91 0.90 4.88
CA GLU A 62 -27.14 0.43 3.53
C GLU A 62 -25.88 0.04 2.77
N ILE A 63 -24.76 0.69 3.06
CA ILE A 63 -23.49 0.36 2.42
C ILE A 63 -22.49 -0.04 3.48
N ARG A 64 -21.48 -0.81 3.04
CA ARG A 64 -20.29 -1.06 3.83
C ARG A 64 -19.13 -0.37 3.13
N ILE A 65 -18.24 0.24 3.91
CA ILE A 65 -16.97 0.74 3.42
C ILE A 65 -15.91 -0.29 3.72
N VAL A 66 -15.07 -0.63 2.74
N VAL A 66 -15.08 -0.62 2.73
CA VAL A 66 -14.05 -1.65 2.90
CA VAL A 66 -14.07 -1.67 2.85
C VAL A 66 -12.69 -1.14 2.46
C VAL A 66 -12.70 -1.12 2.49
N GLN A 67 -11.69 -1.42 3.30
CA GLN A 67 -10.32 -1.08 2.96
C GLN A 67 -9.79 -1.97 1.84
N LEU A 68 -9.41 -1.36 0.72
CA LEU A 68 -8.82 -2.08 -0.41
C LEU A 68 -7.37 -1.71 -0.65
N GLY A 69 -7.02 -0.43 -0.52
CA GLY A 69 -5.63 -0.01 -0.47
C GLY A 69 -5.00 0.51 -1.73
N PHE A 70 -5.77 0.91 -2.75
CA PHE A 70 -5.13 1.48 -3.93
C PHE A 70 -4.59 2.87 -3.61
N ASP A 71 -3.44 3.21 -4.22
CA ASP A 71 -2.93 4.57 -4.14
C ASP A 71 -4.01 5.55 -4.60
N LEU A 72 -4.31 6.54 -3.74
CA LEU A 72 -5.28 7.59 -4.01
C LEU A 72 -6.73 7.10 -4.17
N ASP A 73 -7.01 5.82 -3.86
CA ASP A 73 -8.42 5.38 -3.89
C ASP A 73 -8.51 4.19 -2.94
N ALA A 74 -8.43 4.44 -1.61
CA ALA A 74 -8.18 3.39 -0.64
C ALA A 74 -9.41 2.56 -0.32
N HIS A 75 -10.62 3.14 -0.42
CA HIS A 75 -11.83 2.46 0.06
C HIS A 75 -12.76 2.01 -1.06
N GLY A 76 -13.31 0.83 -0.89
CA GLY A 76 -14.42 0.36 -1.68
C GLY A 76 -15.75 0.53 -0.96
N ILE A 77 -16.80 0.53 -1.76
CA ILE A 77 -18.19 0.70 -1.32
C ILE A 77 -18.98 -0.47 -1.88
N ILE A 78 -19.71 -1.17 -1.00
N ILE A 78 -19.70 -1.18 -1.00
CA ILE A 78 -20.53 -2.30 -1.40
CA ILE A 78 -20.52 -2.32 -1.39
C ILE A 78 -21.85 -2.19 -0.67
C ILE A 78 -21.84 -2.20 -0.67
N PHE A 79 -22.92 -2.66 -1.30
CA PHE A 79 -24.19 -2.74 -0.61
C PHE A 79 -24.14 -3.89 0.39
N THR A 80 -24.55 -3.61 1.63
CA THR A 80 -24.46 -4.63 2.65
C THR A 80 -25.23 -5.90 2.27
N GLU A 81 -26.40 -5.77 1.64
CA GLU A 81 -27.14 -6.98 1.26
C GLU A 81 -26.42 -7.78 0.18
N ASP A 82 -25.74 -7.10 -0.76
CA ASP A 82 -24.94 -7.82 -1.76
C ASP A 82 -23.79 -8.56 -1.10
N TYR A 83 -23.16 -7.94 -0.11
CA TYR A 83 -22.07 -8.61 0.59
C TYR A 83 -22.60 -9.83 1.33
N ARG A 84 -23.67 -9.65 2.06
CA ARG A 84 -24.22 -10.75 2.85
C ARG A 84 -24.64 -11.93 1.98
N THR A 85 -25.44 -11.67 0.96
CA THR A 85 -26.04 -12.78 0.23
C THR A 85 -24.95 -13.60 -0.45
N ARG A 86 -23.93 -12.95 -0.99
CA ARG A 86 -22.92 -13.67 -1.73
C ARG A 86 -21.87 -14.32 -0.83
N VAL A 87 -21.47 -13.65 0.26
CA VAL A 87 -20.57 -14.32 1.21
C VAL A 87 -21.23 -15.58 1.75
N LEU A 88 -22.52 -15.50 2.08
CA LEU A 88 -23.24 -16.71 2.41
C LEU A 88 -23.19 -17.70 1.25
N LYS A 89 -23.20 -17.20 0.00
CA LYS A 89 -23.17 -18.10 -1.15
C LYS A 89 -21.78 -18.70 -1.35
N ALA A 90 -20.73 -17.90 -1.15
CA ALA A 90 -19.36 -18.40 -1.26
C ALA A 90 -18.99 -19.37 -0.14
N SER A 91 -19.83 -19.49 0.90
CA SER A 91 -19.53 -20.29 2.08
C SER A 91 -20.33 -21.59 2.13
N ASP A 92 -21.26 -21.78 1.18
CA ASP A 92 -22.13 -22.95 1.18
C ASP A 92 -21.32 -24.24 1.17
N GLY A 93 -21.58 -25.09 2.16
CA GLY A 93 -20.96 -26.41 2.20
C GLY A 93 -19.48 -26.39 2.44
N ARG A 94 -18.93 -25.26 2.83
CA ARG A 94 -17.52 -25.18 3.16
C ARG A 94 -17.31 -25.32 4.65
N PRO A 95 -16.10 -25.67 5.07
CA PRO A 95 -15.84 -25.87 6.51
C PRO A 95 -16.10 -24.61 7.34
N TYR A 96 -15.99 -23.44 6.73
CA TYR A 96 -16.11 -22.17 7.46
C TYR A 96 -17.52 -21.61 7.43
N ALA A 97 -18.50 -22.38 6.96
CA ALA A 97 -19.86 -21.85 6.81
C ALA A 97 -20.42 -21.39 8.15
N GLY A 98 -20.25 -22.18 9.21
CA GLY A 98 -20.81 -21.79 10.50
C GLY A 98 -20.25 -20.48 11.02
N ALA A 99 -18.93 -20.32 10.97
CA ALA A 99 -18.29 -19.11 11.46
C ALA A 99 -18.73 -17.90 10.63
N VAL A 100 -18.85 -18.06 9.32
CA VAL A 100 -19.29 -16.97 8.46
C VAL A 100 -20.72 -16.56 8.80
N GLN A 101 -21.60 -17.54 9.00
CA GLN A 101 -22.97 -17.21 9.35
C GLN A 101 -23.04 -16.44 10.66
N LYS A 102 -22.25 -16.87 11.66
CA LYS A 102 -22.23 -16.16 12.93
C LYS A 102 -21.74 -14.73 12.75
N PHE A 103 -20.68 -14.55 11.94
CA PHE A 103 -20.14 -13.21 11.70
C PHE A 103 -21.16 -12.30 11.02
N LEU A 104 -21.81 -12.78 9.96
CA LEU A 104 -22.78 -11.97 9.26
C LEU A 104 -23.97 -11.62 10.13
N ALA A 105 -24.40 -12.54 10.99
CA ALA A 105 -25.62 -12.34 11.76
C ALA A 105 -25.40 -11.44 12.97
N SER A 106 -24.23 -11.49 13.59
N SER A 106 -24.23 -11.47 13.58
CA SER A 106 -23.98 -10.81 14.85
CA SER A 106 -23.99 -10.80 14.85
C SER A 106 -23.00 -9.65 14.76
C SER A 106 -22.99 -9.65 14.76
N VAL A 107 -21.90 -9.81 14.03
CA VAL A 107 -20.84 -8.79 14.04
C VAL A 107 -21.10 -7.73 13.01
N LEU A 108 -21.40 -8.15 11.79
CA LEU A 108 -21.63 -7.18 10.73
C LEU A 108 -22.67 -6.13 11.10
N PRO A 109 -23.82 -6.49 11.68
CA PRO A 109 -24.80 -5.44 12.00
C PRO A 109 -24.40 -4.50 13.12
N ALA A 110 -23.40 -4.84 13.93
CA ALA A 110 -23.16 -4.09 15.15
C ALA A 110 -22.46 -2.76 14.93
N SER A 111 -21.89 -2.50 13.77
CA SER A 111 -21.29 -1.20 13.51
C SER A 111 -20.98 -1.06 12.02
N GLY A 112 -20.49 0.11 11.65
CA GLY A 112 -20.05 0.31 10.29
C GLY A 112 -18.55 0.31 10.13
N ASP A 113 -17.81 -0.19 11.12
CA ASP A 113 -16.36 -0.04 11.13
C ASP A 113 -15.72 -0.83 9.98
N LEU A 114 -14.52 -0.37 9.58
CA LEU A 114 -13.74 -1.05 8.56
C LEU A 114 -12.93 -2.22 9.11
N SER A 115 -12.79 -2.32 10.44
CA SER A 115 -11.95 -3.33 11.08
C SER A 115 -12.56 -3.73 12.42
N PHE A 116 -12.06 -4.85 12.96
CA PHE A 116 -12.54 -5.44 14.20
C PHE A 116 -11.35 -5.83 15.07
N GLN A 117 -11.41 -5.46 16.36
CA GLN A 117 -10.35 -5.77 17.29
C GLN A 117 -10.45 -7.22 17.74
N GLN A 118 -9.30 -7.86 17.94
CA GLN A 118 -9.27 -9.24 18.40
C GLN A 118 -10.04 -9.41 19.72
N ASP A 119 -9.82 -8.51 20.67
CA ASP A 119 -10.45 -8.66 21.98
C ASP A 119 -11.96 -8.48 21.86
N GLN A 120 -12.40 -7.66 20.90
CA GLN A 120 -13.83 -7.44 20.76
C GLN A 120 -14.43 -8.72 20.16
N MET A 121 -13.74 -9.31 19.18
CA MET A 121 -14.24 -10.51 18.53
C MET A 121 -14.33 -11.68 19.51
N THR A 122 -13.32 -11.87 20.35
CA THR A 122 -13.32 -13.01 21.27
C THR A 122 -14.20 -12.73 22.48
N GLN A 123 -14.01 -11.58 23.13
CA GLN A 123 -14.67 -11.33 24.42
C GLN A 123 -16.08 -10.80 24.26
N THR A 124 -16.30 -9.82 23.38
CA THR A 124 -17.66 -9.29 23.21
C THR A 124 -18.54 -10.23 22.40
N PHE A 125 -18.04 -10.75 21.28
CA PHE A 125 -18.85 -11.58 20.39
C PHE A 125 -18.65 -13.08 20.57
N GLY A 126 -17.73 -13.52 21.41
CA GLY A 126 -17.66 -14.93 21.72
C GLY A 126 -17.05 -15.80 20.64
N PHE A 127 -16.25 -15.24 19.74
CA PHE A 127 -15.61 -16.05 18.72
C PHE A 127 -14.41 -16.76 19.33
N ARG A 128 -14.26 -18.04 19.00
CA ARG A 128 -13.02 -18.73 19.31
C ARG A 128 -11.97 -18.46 18.23
N ASP A 129 -10.71 -18.66 18.61
CA ASP A 129 -9.61 -18.48 17.66
C ASP A 129 -9.85 -19.31 16.40
N SER A 130 -10.28 -20.56 16.55
CA SER A 130 -10.53 -21.42 15.40
C SER A 130 -11.61 -20.83 14.49
N GLU A 131 -12.59 -20.12 15.06
CA GLU A 131 -13.63 -19.52 14.24
C GLU A 131 -13.13 -18.29 13.51
N ILE A 132 -12.25 -17.51 14.15
CA ILE A 132 -11.60 -16.41 13.46
C ILE A 132 -10.73 -16.95 12.32
N THR A 133 -10.03 -18.07 12.54
CA THR A 133 -9.26 -18.68 11.46
C THR A 133 -10.16 -19.08 10.31
N HIS A 134 -11.36 -19.60 10.61
CA HIS A 134 -12.31 -19.90 9.54
C HIS A 134 -12.66 -18.65 8.73
N LEU A 135 -12.86 -17.50 9.41
CA LEU A 135 -13.18 -16.26 8.71
C LEU A 135 -12.02 -15.80 7.83
N VAL A 136 -10.78 -16.00 8.28
CA VAL A 136 -9.63 -15.67 7.45
C VAL A 136 -9.57 -16.59 6.25
N ASN A 137 -9.80 -17.89 6.47
CA ASN A 137 -9.77 -18.83 5.35
C ASN A 137 -10.89 -18.53 4.35
N ALA A 138 -12.02 -18.01 4.82
CA ALA A 138 -13.12 -17.65 3.92
C ALA A 138 -12.86 -16.37 3.14
N GLY A 139 -11.86 -15.58 3.52
CA GLY A 139 -11.63 -14.30 2.87
C GLY A 139 -12.43 -13.14 3.44
N VAL A 140 -13.08 -13.35 4.59
CA VAL A 140 -13.91 -12.31 5.21
C VAL A 140 -13.12 -11.39 6.13
N LEU A 141 -11.97 -11.84 6.66
CA LEU A 141 -11.08 -11.02 7.44
C LEU A 141 -9.66 -11.17 6.93
N THR A 142 -8.90 -10.07 6.97
CA THR A 142 -7.46 -10.06 6.73
C THR A 142 -6.80 -9.34 7.91
N VAL A 143 -5.52 -9.63 8.15
CA VAL A 143 -4.83 -9.01 9.27
C VAL A 143 -4.63 -7.52 9.01
N ARG A 144 -4.94 -6.69 10.01
CA ARG A 144 -4.72 -5.24 9.94
C ARG A 144 -3.49 -4.79 10.72
N ASP A 145 -3.36 -5.22 11.97
CA ASP A 145 -2.23 -4.92 12.82
C ASP A 145 -2.17 -6.02 13.87
N ALA A 146 -1.32 -5.84 14.89
CA ALA A 146 -1.12 -6.90 15.86
C ALA A 146 -2.38 -7.23 16.67
N GLY A 147 -3.38 -6.38 16.65
CA GLY A 147 -4.59 -6.69 17.41
C GLY A 147 -5.91 -6.52 16.69
N SER A 148 -5.91 -6.52 15.37
CA SER A 148 -7.16 -6.31 14.64
C SER A 148 -7.10 -6.87 13.23
N TRP A 149 -8.29 -6.93 12.62
CA TRP A 149 -8.51 -7.47 11.29
C TRP A 149 -9.35 -6.50 10.47
N TRP A 150 -9.07 -6.38 9.18
CA TRP A 150 -9.94 -5.68 8.25
C TRP A 150 -11.11 -6.55 7.83
N LEU A 151 -12.29 -5.94 7.68
CA LEU A 151 -13.34 -6.57 6.89
C LEU A 151 -12.82 -6.73 5.45
N ALA A 152 -13.05 -7.90 4.86
CA ALA A 152 -12.56 -8.20 3.53
C ALA A 152 -13.63 -8.90 2.71
N VAL A 153 -13.44 -8.88 1.39
CA VAL A 153 -14.38 -9.41 0.42
C VAL A 153 -13.79 -10.67 -0.19
N PRO A 154 -14.40 -11.84 0.00
CA PRO A 154 -13.87 -13.07 -0.63
C PRO A 154 -13.79 -12.89 -2.13
N GLY A 155 -12.60 -13.17 -2.68
CA GLY A 155 -12.35 -13.02 -4.10
C GLY A 155 -11.85 -11.65 -4.51
N ALA A 156 -11.61 -10.76 -3.55
CA ALA A 156 -11.18 -9.40 -3.90
C ALA A 156 -9.80 -9.37 -4.56
N GLY A 157 -8.95 -10.36 -4.28
CA GLY A 157 -7.62 -10.36 -4.88
C GLY A 157 -7.64 -10.27 -6.38
N ARG A 158 -8.55 -11.01 -7.03
CA ARG A 158 -8.68 -10.94 -8.48
C ARG A 158 -9.13 -9.57 -8.94
N PHE A 159 -10.09 -8.98 -8.23
CA PHE A 159 -10.54 -7.62 -8.53
C PHE A 159 -9.37 -6.63 -8.41
N ILE A 160 -8.57 -6.74 -7.33
CA ILE A 160 -7.43 -5.84 -7.14
C ILE A 160 -6.46 -5.96 -8.30
N LYS A 161 -6.14 -7.19 -8.74
CA LYS A 161 -5.17 -7.31 -9.81
C LYS A 161 -5.71 -6.75 -11.13
N TYR A 162 -6.98 -7.05 -11.47
CA TYR A 162 -7.55 -6.49 -12.69
C TYR A 162 -7.64 -4.98 -12.62
N PHE A 163 -7.97 -4.44 -11.45
CA PHE A 163 -8.15 -3.00 -11.32
C PHE A 163 -6.83 -2.26 -11.52
N VAL A 164 -5.76 -2.72 -10.88
CA VAL A 164 -4.51 -1.98 -11.02
C VAL A 164 -3.97 -2.03 -12.44
N LYS A 165 -4.05 -3.20 -13.09
CA LYS A 165 -3.60 -3.28 -14.46
C LYS A 165 -4.43 -2.38 -15.38
N GLY A 166 -5.74 -2.31 -15.14
CA GLY A 166 -6.58 -1.47 -15.96
C GLY A 166 -6.35 0.01 -15.72
N ARG A 167 -6.13 0.41 -14.46
CA ARG A 167 -5.78 1.80 -14.18
C ARG A 167 -4.53 2.20 -14.94
N GLN A 168 -3.50 1.36 -14.88
CA GLN A 168 -2.27 1.67 -15.60
C GLN A 168 -2.51 1.78 -17.10
N ALA A 169 -3.31 0.87 -17.67
CA ALA A 169 -3.52 0.85 -19.11
C ALA A 169 -4.31 2.07 -19.58
N VAL A 170 -5.35 2.46 -18.85
CA VAL A 170 -6.11 3.63 -19.26
C VAL A 170 -5.28 4.90 -19.10
N LEU A 171 -4.50 4.98 -18.02
CA LEU A 171 -3.59 6.12 -17.90
C LEU A 171 -2.61 6.18 -19.08
N SER A 172 -2.13 5.02 -19.55
N SER A 172 -2.14 5.02 -19.57
CA SER A 172 -1.25 4.99 -20.71
CA SER A 172 -1.22 4.99 -20.70
C SER A 172 -1.92 5.52 -21.96
C SER A 172 -1.90 5.48 -21.98
N MET A 173 -3.22 5.31 -22.12
CA MET A 173 -3.93 5.82 -23.29
C MET A 173 -3.83 7.35 -23.31
N VAL A 174 -3.92 7.98 -22.13
CA VAL A 174 -3.75 9.43 -22.00
C VAL A 174 -2.30 9.83 -22.25
N ARG A 175 -1.37 9.10 -21.64
CA ARG A 175 0.06 9.43 -21.77
C ARG A 175 0.52 9.35 -23.21
N LYS A 176 0.02 8.37 -23.97
CA LYS A 176 0.47 8.19 -25.35
C LYS A 176 -0.11 9.23 -26.30
N ALA A 177 -1.19 9.91 -25.93
CA ALA A 177 -1.80 10.90 -26.80
C ALA A 177 -0.93 12.16 -26.90
N LYS A 178 -1.18 12.95 -27.94
CA LYS A 178 -0.46 14.19 -28.15
C LYS A 178 -0.61 15.10 -26.95
N TYR A 179 0.51 15.60 -26.46
CA TYR A 179 0.54 16.51 -25.32
C TYR A 179 0.00 15.85 -24.05
N ARG A 180 0.00 14.52 -24.00
CA ARG A 180 -0.43 13.78 -22.81
C ARG A 180 -1.82 14.23 -22.33
N GLU A 181 -2.75 14.31 -23.29
CA GLU A 181 -4.13 14.68 -23.00
C GLU A 181 -5.01 14.05 -24.07
N LEU A 182 -6.26 13.75 -23.71
CA LEU A 182 -7.18 13.04 -24.60
C LEU A 182 -8.62 13.43 -24.24
N LEU A 183 -9.41 13.77 -25.25
CA LEU A 183 -10.81 14.06 -25.00
C LEU A 183 -11.53 12.83 -24.44
N LEU A 184 -12.44 13.08 -23.50
CA LEU A 184 -13.24 12.00 -22.92
C LEU A 184 -13.97 11.21 -24.00
N SER A 185 -14.64 11.91 -24.93
CA SER A 185 -15.40 11.21 -25.96
C SER A 185 -14.50 10.34 -26.84
N GLU A 186 -13.26 10.78 -27.07
CA GLU A 186 -12.32 9.99 -27.85
C GLU A 186 -11.91 8.74 -27.08
N LEU A 187 -11.53 8.90 -25.82
CA LEU A 187 -11.10 7.78 -25.00
C LEU A 187 -12.22 6.73 -24.90
N LEU A 188 -13.44 7.17 -24.61
CA LEU A 188 -14.53 6.22 -24.38
C LEU A 188 -14.91 5.48 -25.64
N GLY A 189 -14.58 6.01 -26.81
CA GLY A 189 -14.84 5.36 -28.08
C GLY A 189 -13.73 4.47 -28.59
N ARG A 190 -12.62 4.37 -27.87
N ARG A 190 -12.62 4.36 -27.84
CA ARG A 190 -11.50 3.51 -28.24
CA ARG A 190 -11.51 3.50 -28.24
C ARG A 190 -11.82 2.05 -27.90
C ARG A 190 -11.81 2.06 -27.89
N ARG A 191 -11.18 1.14 -28.63
CA ARG A 191 -11.18 -0.25 -28.19
C ARG A 191 -10.40 -0.34 -26.87
N ALA A 192 -10.95 -1.08 -25.93
CA ALA A 192 -10.29 -1.22 -24.63
C ALA A 192 -9.05 -2.07 -24.76
N PRO A 193 -7.90 -1.66 -24.20
CA PRO A 193 -6.76 -2.57 -24.10
C PRO A 193 -7.21 -3.88 -23.46
N VAL A 194 -6.63 -5.00 -23.91
CA VAL A 194 -7.12 -6.29 -23.46
C VAL A 194 -7.04 -6.41 -21.93
N VAL A 195 -6.05 -5.76 -21.32
CA VAL A 195 -5.91 -5.86 -19.87
C VAL A 195 -6.96 -5.07 -19.11
N VAL A 196 -7.72 -4.21 -19.78
CA VAL A 196 -8.78 -3.44 -19.13
C VAL A 196 -10.02 -4.35 -19.11
N ARG A 197 -10.28 -4.94 -17.95
CA ARG A 197 -11.39 -5.87 -17.80
C ARG A 197 -12.62 -5.23 -17.16
N LEU A 198 -12.45 -4.19 -16.37
CA LEU A 198 -13.55 -3.58 -15.63
C LEU A 198 -14.25 -2.49 -16.43
N GLY A 199 -13.74 -2.13 -17.60
CA GLY A 199 -14.39 -1.17 -18.48
C GLY A 199 -13.72 0.20 -18.46
N LEU A 200 -13.74 0.86 -19.63
CA LEU A 200 -13.11 2.18 -19.75
C LEU A 200 -13.77 3.22 -18.84
N THR A 201 -15.11 3.31 -18.85
CA THR A 201 -15.78 4.34 -18.06
C THR A 201 -15.52 4.15 -16.56
N TYR A 202 -15.65 2.91 -16.07
CA TYR A 202 -15.34 2.60 -14.68
C TYR A 202 -13.95 3.13 -14.32
N HIS A 203 -12.97 2.85 -15.18
CA HIS A 203 -11.61 3.33 -14.92
C HIS A 203 -11.47 4.86 -15.01
N VAL A 204 -12.14 5.50 -15.98
CA VAL A 204 -12.05 6.95 -16.09
C VAL A 204 -12.52 7.62 -14.81
N HIS A 205 -13.63 7.14 -14.22
CA HIS A 205 -14.09 7.78 -12.99
C HIS A 205 -13.06 7.68 -11.87
N ASP A 206 -12.36 6.55 -11.76
CA ASP A 206 -11.27 6.46 -10.77
C ASP A 206 -10.16 7.47 -11.09
N LEU A 207 -9.75 7.56 -12.36
CA LEU A 207 -8.65 8.47 -12.69
C LEU A 207 -9.01 9.91 -12.35
N ILE A 208 -10.26 10.32 -12.64
CA ILE A 208 -10.69 11.70 -12.37
C ILE A 208 -10.78 11.94 -10.87
N GLY A 209 -11.48 11.05 -10.16
CA GLY A 209 -11.71 11.29 -8.75
C GLY A 209 -10.45 11.21 -7.90
N ALA A 210 -9.52 10.34 -8.29
CA ALA A 210 -8.22 10.23 -7.64
C ALA A 210 -7.26 11.35 -8.05
N GLN A 211 -7.60 12.14 -9.07
CA GLN A 211 -6.77 13.22 -9.59
C GLN A 211 -5.51 12.70 -10.29
N LEU A 212 -5.55 11.45 -10.76
CA LEU A 212 -4.52 10.94 -11.66
C LEU A 212 -4.61 11.54 -13.05
N VAL A 213 -5.78 12.04 -13.46
CA VAL A 213 -5.90 12.92 -14.61
C VAL A 213 -6.67 14.15 -14.12
N ASP A 214 -6.40 15.29 -14.74
CA ASP A 214 -7.26 16.45 -14.54
C ASP A 214 -8.42 16.38 -15.54
N SER A 215 -9.60 16.76 -15.10
CA SER A 215 -10.80 16.83 -15.94
C SER A 215 -10.99 18.31 -16.29
N ILE A 216 -10.63 18.66 -17.52
CA ILE A 216 -10.60 20.05 -17.98
C ILE A 216 -11.84 20.29 -18.83
N SER A 217 -12.58 21.34 -18.51
CA SER A 217 -13.73 21.70 -19.32
C SER A 217 -13.26 22.55 -20.48
N THR A 218 -13.60 22.13 -21.70
CA THR A 218 -13.24 22.87 -22.91
C THR A 218 -14.49 23.02 -23.75
N THR A 219 -14.40 23.85 -24.77
CA THR A 219 -15.51 23.95 -25.71
C THR A 219 -15.62 22.72 -26.62
N SER A 220 -14.76 21.70 -26.45
CA SER A 220 -14.91 20.39 -27.08
C SER A 220 -15.40 19.34 -26.10
N GLY A 221 -15.85 19.76 -24.93
CA GLY A 221 -16.23 18.83 -23.88
C GLY A 221 -15.08 18.56 -22.93
N THR A 222 -15.23 17.51 -22.14
CA THR A 222 -14.24 17.17 -21.13
C THR A 222 -12.96 16.65 -21.78
N LEU A 223 -11.84 17.24 -21.37
CA LEU A 223 -10.49 16.84 -21.78
C LEU A 223 -9.78 16.24 -20.57
N LEU A 224 -9.25 15.03 -20.73
CA LEU A 224 -8.48 14.37 -19.69
C LEU A 224 -7.01 14.67 -19.89
N ARG A 225 -6.37 15.31 -18.90
CA ARG A 225 -5.00 15.78 -19.04
C ARG A 225 -4.12 15.21 -17.93
N LEU A 226 -3.01 14.59 -18.32
CA LEU A 226 -2.07 14.12 -17.32
C LEU A 226 -1.51 15.32 -16.57
N PRO A 227 -1.54 15.33 -15.23
CA PRO A 227 -1.24 16.57 -14.46
C PRO A 227 0.25 16.75 -14.21
N GLU A 228 0.99 17.01 -15.29
CA GLU A 228 2.45 17.11 -15.21
C GLU A 228 2.93 18.41 -14.57
N THR A 229 2.07 19.43 -14.47
CA THR A 229 2.43 20.70 -13.85
C THR A 229 1.42 20.97 -12.75
N SER B 5 1.93 -13.63 11.95
CA SER B 5 2.05 -14.94 11.33
C SER B 5 2.11 -14.85 9.80
N GLY B 6 1.37 -15.73 9.12
CA GLY B 6 1.42 -15.75 7.67
C GLY B 6 0.06 -15.75 7.01
N GLU B 7 -0.95 -15.29 7.75
CA GLU B 7 -2.27 -15.16 7.16
C GLU B 7 -2.28 -13.96 6.21
N PRO B 8 -3.23 -13.92 5.28
CA PRO B 8 -3.39 -12.74 4.41
C PRO B 8 -3.43 -11.44 5.22
N GLY B 9 -2.69 -10.44 4.72
CA GLY B 9 -2.56 -9.14 5.37
C GLY B 9 -1.35 -9.00 6.28
N SER B 10 -0.65 -10.11 6.55
CA SER B 10 0.44 -10.07 7.53
C SER B 10 1.57 -9.13 7.12
N ALA B 11 1.96 -9.12 5.85
CA ALA B 11 3.07 -8.26 5.46
C ALA B 11 2.69 -6.79 5.57
N ARG B 12 1.47 -6.40 5.12
CA ARG B 12 1.08 -5.00 5.27
C ARG B 12 1.01 -4.60 6.74
N ALA B 13 0.45 -5.48 7.56
CA ALA B 13 0.35 -5.22 9.00
C ALA B 13 1.73 -5.05 9.63
N ALA B 14 2.69 -5.88 9.23
CA ALA B 14 4.05 -5.77 9.72
C ALA B 14 4.67 -4.44 9.30
N VAL B 15 4.51 -4.06 8.03
CA VAL B 15 5.03 -2.78 7.55
C VAL B 15 4.46 -1.65 8.38
N SER B 16 3.14 -1.65 8.59
CA SER B 16 2.52 -0.56 9.33
C SER B 16 3.03 -0.49 10.77
N GLU B 17 3.20 -1.65 11.42
CA GLU B 17 3.71 -1.64 12.78
C GLU B 17 5.15 -1.16 12.84
N LEU B 18 6.00 -1.67 11.95
CA LEU B 18 7.39 -1.27 11.95
C LEU B 18 7.55 0.22 11.65
N MET B 19 6.66 0.78 10.83
CA MET B 19 6.78 2.19 10.47
C MET B 19 6.57 3.09 11.69
N GLN B 20 5.83 2.63 12.69
CA GLN B 20 5.66 3.42 13.91
C GLN B 20 6.93 3.56 14.71
N LEU B 21 7.94 2.74 14.44
CA LEU B 21 9.25 2.89 15.07
C LEU B 21 10.12 3.95 14.39
N PHE B 22 9.81 4.34 13.17
CA PHE B 22 10.68 5.27 12.46
C PHE B 22 10.68 6.63 13.13
N PRO B 23 11.84 7.19 13.43
CA PRO B 23 11.90 8.53 14.05
C PRO B 23 11.73 9.65 13.04
N ARG B 24 10.49 10.08 12.85
CA ARG B 24 10.22 11.11 11.84
C ARG B 24 10.97 12.40 12.15
N GLY B 25 11.06 12.76 13.43
CA GLY B 25 11.67 14.03 13.81
C GLY B 25 13.15 14.09 13.60
N LEU B 26 13.82 12.93 13.52
CA LEU B 26 15.25 12.92 13.27
C LEU B 26 15.59 13.64 11.96
N PHE B 27 14.70 13.54 10.97
CA PHE B 27 14.85 14.21 9.68
C PHE B 27 13.92 15.40 9.54
N GLU B 28 13.41 15.94 10.64
CA GLU B 28 12.49 17.09 10.61
C GLU B 28 11.24 16.78 9.79
N ASP B 29 10.82 15.52 9.78
CA ASP B 29 9.64 15.05 9.04
C ASP B 29 9.79 15.20 7.53
N ALA B 30 11.03 15.35 7.04
CA ALA B 30 11.25 15.47 5.60
C ALA B 30 11.24 14.13 4.87
N LEU B 31 11.49 13.02 5.59
CA LEU B 31 11.49 11.70 4.97
C LEU B 31 10.18 10.98 5.27
N PRO B 32 9.65 10.20 4.32
CA PRO B 32 8.56 9.30 4.67
C PRO B 32 9.09 8.22 5.56
N PRO B 33 8.27 7.62 6.45
CA PRO B 33 8.74 6.48 7.22
C PRO B 33 9.21 5.38 6.29
N ILE B 34 10.38 4.80 6.60
CA ILE B 34 11.00 3.75 5.80
C ILE B 34 11.21 2.54 6.68
N VAL B 35 10.81 1.37 6.20
N VAL B 35 10.76 1.37 6.19
CA VAL B 35 11.18 0.12 6.85
CA VAL B 35 11.00 0.07 6.82
C VAL B 35 11.83 -0.79 5.82
C VAL B 35 11.79 -0.79 5.84
N LEU B 36 12.51 -1.80 6.32
CA LEU B 36 13.31 -2.67 5.46
C LEU B 36 12.64 -4.02 5.28
N ARG B 37 12.79 -4.60 4.09
CA ARG B 37 12.30 -5.95 3.87
C ARG B 37 12.79 -6.90 4.97
N SER B 38 14.05 -6.78 5.37
CA SER B 38 14.57 -7.67 6.41
C SER B 38 13.78 -7.56 7.71
N GLN B 39 13.35 -6.35 8.06
CA GLN B 39 12.55 -6.18 9.28
C GLN B 39 11.21 -6.89 9.18
N VAL B 40 10.60 -6.90 7.98
CA VAL B 40 9.33 -7.61 7.81
C VAL B 40 9.46 -9.08 8.22
N TYR B 41 10.61 -9.70 7.90
CA TYR B 41 10.79 -11.11 8.21
C TYR B 41 10.88 -11.37 9.73
N SER B 42 11.22 -10.35 10.53
CA SER B 42 11.16 -10.51 11.98
C SER B 42 9.73 -10.77 12.46
N LEU B 43 8.74 -10.18 11.81
CA LEU B 43 7.34 -10.30 12.20
C LEU B 43 6.57 -11.34 11.38
N VAL B 44 7.05 -11.67 10.19
CA VAL B 44 6.43 -12.63 9.27
C VAL B 44 7.52 -13.64 8.96
N PRO B 45 7.68 -14.68 9.79
CA PRO B 45 8.91 -15.50 9.69
C PRO B 45 8.97 -16.42 8.50
N ASP B 46 7.85 -16.75 7.84
CA ASP B 46 7.93 -17.51 6.59
C ASP B 46 8.27 -16.53 5.48
N ARG B 47 9.54 -16.56 5.04
CA ARG B 47 10.00 -15.59 4.05
C ARG B 47 9.27 -15.76 2.71
N THR B 48 8.85 -16.97 2.37
CA THR B 48 8.12 -17.14 1.12
C THR B 48 6.78 -16.41 1.18
N VAL B 49 6.07 -16.55 2.30
CA VAL B 49 4.82 -15.81 2.49
C VAL B 49 5.08 -14.30 2.50
N ALA B 50 6.07 -13.86 3.26
CA ALA B 50 6.37 -12.44 3.33
C ALA B 50 6.67 -11.88 1.96
N ASP B 51 7.52 -12.57 1.18
CA ASP B 51 7.88 -12.08 -0.13
C ASP B 51 6.68 -12.07 -1.09
N ARG B 52 5.83 -13.10 -1.03
CA ARG B 52 4.67 -13.13 -1.92
C ARG B 52 3.73 -11.98 -1.61
N GLN B 53 3.48 -11.74 -0.32
CA GLN B 53 2.57 -10.66 0.05
C GLN B 53 3.18 -9.29 -0.27
N LEU B 54 4.48 -9.12 -0.02
CA LEU B 54 5.12 -7.85 -0.39
C LEU B 54 5.05 -7.59 -1.88
N LYS B 55 5.20 -8.65 -2.69
CA LYS B 55 5.09 -8.48 -4.14
C LYS B 55 3.67 -8.06 -4.54
N GLU B 56 2.66 -8.62 -3.88
CA GLU B 56 1.28 -8.23 -4.15
C GLU B 56 1.04 -6.76 -3.81
N LEU B 57 1.60 -6.31 -2.67
CA LEU B 57 1.47 -4.91 -2.29
C LEU B 57 2.18 -4.00 -3.27
N GLN B 58 3.38 -4.40 -3.70
CA GLN B 58 4.15 -3.63 -4.67
C GLN B 58 3.39 -3.52 -5.99
N GLU B 59 2.86 -4.64 -6.49
CA GLU B 59 2.09 -4.63 -7.73
C GLU B 59 0.82 -3.80 -7.59
N GLN B 60 0.19 -3.83 -6.41
CA GLN B 60 -1.03 -3.05 -6.21
C GLN B 60 -0.73 -1.56 -6.20
N GLY B 61 0.46 -1.16 -5.78
CA GLY B 61 0.88 0.22 -5.81
C GLY B 61 0.73 0.96 -4.50
N GLU B 62 0.29 0.30 -3.43
CA GLU B 62 0.11 1.02 -2.18
C GLU B 62 1.45 1.31 -1.51
N ILE B 63 2.45 0.43 -1.73
CA ILE B 63 3.82 0.67 -1.27
C ILE B 63 4.70 0.85 -2.48
N ARG B 64 5.86 1.48 -2.25
CA ARG B 64 6.98 1.42 -3.17
C ARG B 64 8.11 0.65 -2.50
N ILE B 65 8.77 -0.17 -3.29
CA ILE B 65 10.02 -0.80 -2.90
C ILE B 65 11.14 0.02 -3.51
N VAL B 66 12.18 0.28 -2.71
CA VAL B 66 13.29 1.16 -3.10
C VAL B 66 14.60 0.43 -2.86
N GLN B 67 15.46 0.40 -3.87
CA GLN B 67 16.78 -0.20 -3.69
C GLN B 67 17.67 0.71 -2.84
N LEU B 68 18.33 0.14 -1.83
CA LEU B 68 19.14 0.96 -0.91
C LEU B 68 20.65 0.80 -1.04
N GLY B 69 21.16 -0.22 -1.71
CA GLY B 69 22.55 -0.20 -2.14
C GLY B 69 23.58 -0.92 -1.26
N PHE B 70 23.39 -0.99 0.07
CA PHE B 70 24.40 -1.59 0.95
C PHE B 70 24.32 -3.12 0.90
N ASP B 71 23.24 -3.69 0.37
CA ASP B 71 23.10 -5.11 0.06
C ASP B 71 22.06 -5.21 -1.05
N LEU B 72 22.20 -6.19 -1.93
CA LEU B 72 21.17 -6.29 -2.98
C LEU B 72 19.80 -6.73 -2.46
N ASP B 73 19.73 -7.29 -1.25
CA ASP B 73 18.45 -7.52 -0.59
C ASP B 73 18.10 -6.39 0.39
N ALA B 74 18.80 -5.26 0.29
CA ALA B 74 18.52 -4.07 1.09
C ALA B 74 17.46 -3.29 0.33
N HIS B 75 16.20 -3.60 0.66
CA HIS B 75 15.04 -2.94 0.06
C HIS B 75 14.32 -2.10 1.12
N GLY B 76 14.19 -0.83 0.83
CA GLY B 76 13.31 0.00 1.61
C GLY B 76 11.88 -0.14 1.16
N ILE B 77 10.98 0.06 2.10
CA ILE B 77 9.55 -0.01 1.86
C ILE B 77 8.95 1.27 2.40
N ILE B 78 8.19 1.96 1.54
CA ILE B 78 7.52 3.20 1.91
C ILE B 78 6.10 3.15 1.36
N PHE B 79 5.17 3.77 2.07
CA PHE B 79 3.84 3.95 1.49
C PHE B 79 3.88 5.01 0.39
N THR B 80 3.27 4.72 -0.76
CA THR B 80 3.33 5.62 -1.90
C THR B 80 2.77 7.00 -1.55
N GLU B 81 1.68 7.04 -0.77
CA GLU B 81 1.11 8.33 -0.40
C GLU B 81 2.10 9.16 0.41
N ASP B 82 2.88 8.50 1.29
CA ASP B 82 3.91 9.22 2.05
C ASP B 82 5.05 9.67 1.16
N TYR B 83 5.45 8.83 0.20
CA TYR B 83 6.47 9.24 -0.77
C TYR B 83 6.04 10.50 -1.50
N ARG B 84 4.80 10.51 -2.01
CA ARG B 84 4.31 11.66 -2.76
C ARG B 84 4.32 12.93 -1.90
N THR B 85 3.76 12.87 -0.70
N THR B 85 3.76 12.87 -0.69
CA THR B 85 3.65 14.07 0.12
CA THR B 85 3.65 14.09 0.10
C THR B 85 5.02 14.62 0.48
C THR B 85 5.02 14.62 0.47
N ARG B 86 5.97 13.73 0.82
CA ARG B 86 7.31 14.19 1.18
C ARG B 86 8.11 14.70 -0.03
N VAL B 87 7.96 14.05 -1.18
CA VAL B 87 8.62 14.54 -2.39
C VAL B 87 8.11 15.93 -2.76
N LEU B 88 6.79 16.13 -2.68
CA LEU B 88 6.23 17.45 -2.93
C LEU B 88 6.76 18.47 -1.94
N LYS B 89 6.85 18.11 -0.65
CA LYS B 89 7.19 19.11 0.35
C LYS B 89 8.66 19.54 0.10
N ALA B 90 9.54 18.55 -0.22
CA ALA B 90 10.96 18.79 -0.43
C ALA B 90 11.22 19.57 -1.70
N SER B 91 10.31 19.55 -2.67
N SER B 91 10.32 19.53 -2.68
CA SER B 91 10.52 20.22 -3.94
CA SER B 91 10.53 20.23 -3.94
C SER B 91 9.84 21.59 -4.00
C SER B 91 9.83 21.59 -4.00
N ASP B 92 9.07 21.95 -2.99
CA ASP B 92 8.32 23.19 -2.99
C ASP B 92 9.26 24.39 -3.11
N GLY B 93 9.04 25.19 -4.16
CA GLY B 93 9.82 26.40 -4.35
C GLY B 93 11.17 26.21 -4.99
N ARG B 94 11.48 25.02 -5.45
CA ARG B 94 12.76 24.70 -6.05
C ARG B 94 12.65 24.58 -7.55
N PRO B 95 13.73 24.81 -8.29
CA PRO B 95 13.64 24.78 -9.76
C PRO B 95 13.32 23.43 -10.36
N TYR B 96 13.48 22.35 -9.60
CA TYR B 96 13.16 21.01 -10.06
C TYR B 96 11.71 20.61 -9.76
N ALA B 97 10.88 21.51 -9.23
CA ALA B 97 9.52 21.14 -8.85
C ALA B 97 8.71 20.64 -10.04
N GLY B 98 8.85 21.28 -11.19
CA GLY B 98 8.08 20.85 -12.36
C GLY B 98 8.42 19.44 -12.81
N ALA B 99 9.72 19.13 -12.87
CA ALA B 99 10.15 17.79 -13.26
C ALA B 99 9.69 16.74 -12.27
N VAL B 100 9.72 17.08 -10.98
CA VAL B 100 9.23 16.17 -9.95
C VAL B 100 7.74 15.91 -10.12
N GLN B 101 6.94 16.96 -10.36
CA GLN B 101 5.51 16.75 -10.60
C GLN B 101 5.28 15.87 -11.83
N LYS B 102 6.05 16.09 -12.90
CA LYS B 102 5.92 15.23 -14.08
C LYS B 102 6.21 13.77 -13.74
N PHE B 103 7.23 13.51 -12.93
CA PHE B 103 7.56 12.16 -12.52
C PHE B 103 6.42 11.56 -11.69
N LEU B 104 5.93 12.31 -10.70
CA LEU B 104 4.84 11.79 -9.88
C LEU B 104 3.60 11.50 -10.71
N ALA B 105 3.30 12.34 -11.70
CA ALA B 105 2.06 12.19 -12.43
C ALA B 105 2.15 11.09 -13.47
N SER B 106 3.31 10.95 -14.11
CA SER B 106 3.45 10.07 -15.26
C SER B 106 4.16 8.76 -14.97
N VAL B 107 5.25 8.80 -14.20
CA VAL B 107 6.07 7.60 -13.98
C VAL B 107 5.56 6.80 -12.80
N LEU B 108 5.33 7.44 -11.66
CA LEU B 108 4.99 6.72 -10.45
C LEU B 108 3.79 5.77 -10.61
N PRO B 109 2.68 6.16 -11.22
CA PRO B 109 1.52 5.25 -11.32
C PRO B 109 1.66 4.17 -12.39
N ALA B 110 2.73 4.18 -13.17
CA ALA B 110 2.81 3.28 -14.32
C ALA B 110 3.14 1.85 -13.91
N SER B 111 3.80 1.63 -12.79
CA SER B 111 4.29 0.30 -12.42
C SER B 111 4.78 0.36 -10.99
N GLY B 112 5.18 -0.81 -10.47
CA GLY B 112 5.85 -0.91 -9.19
C GLY B 112 7.35 -1.05 -9.29
N ASP B 113 7.92 -0.70 -10.42
CA ASP B 113 9.33 -0.98 -10.69
C ASP B 113 10.27 -0.16 -9.78
N LEU B 114 11.45 -0.75 -9.54
CA LEU B 114 12.50 -0.15 -8.73
C LEU B 114 13.42 0.73 -9.55
N SER B 115 13.42 0.57 -10.87
CA SER B 115 14.40 1.26 -11.72
C SER B 115 13.75 1.55 -13.08
N PHE B 116 14.38 2.48 -13.81
CA PHE B 116 13.90 2.98 -15.10
C PHE B 116 15.08 3.08 -16.06
N GLN B 117 14.91 2.57 -17.28
CA GLN B 117 15.96 2.71 -18.30
C GLN B 117 15.88 4.09 -18.98
N GLN B 118 17.03 4.55 -19.48
CA GLN B 118 17.08 5.78 -20.27
C GLN B 118 16.03 5.86 -21.36
N ASP B 119 15.97 4.83 -22.19
CA ASP B 119 15.06 4.88 -23.31
C ASP B 119 13.61 4.89 -22.85
N GLN B 120 13.31 4.26 -21.71
CA GLN B 120 11.98 4.36 -21.15
C GLN B 120 11.69 5.80 -20.72
N MET B 121 12.63 6.40 -19.98
CA MET B 121 12.41 7.76 -19.51
C MET B 121 12.17 8.71 -20.67
N THR B 122 12.95 8.56 -21.75
CA THR B 122 12.83 9.54 -22.83
C THR B 122 11.66 9.23 -23.75
N GLN B 123 11.47 7.95 -24.09
CA GLN B 123 10.50 7.59 -25.12
C GLN B 123 9.11 7.28 -24.59
N THR B 124 8.99 6.62 -23.43
CA THR B 124 7.69 6.32 -22.85
C THR B 124 7.16 7.46 -22.01
N PHE B 125 8.03 8.08 -21.21
CA PHE B 125 7.63 9.10 -20.27
C PHE B 125 7.94 10.51 -20.72
N GLY B 126 8.63 10.68 -21.85
CA GLY B 126 8.75 12.00 -22.45
C GLY B 126 9.67 12.96 -21.73
N PHE B 127 10.64 12.44 -20.97
CA PHE B 127 11.55 13.29 -20.22
C PHE B 127 12.68 13.80 -21.10
N ARG B 128 12.96 15.08 -20.98
CA ARG B 128 14.13 15.67 -21.58
C ARG B 128 15.32 15.42 -20.65
N ASP B 129 16.53 15.44 -21.20
CA ASP B 129 17.72 15.25 -20.37
C ASP B 129 17.76 16.26 -19.23
N SER B 130 17.38 17.51 -19.48
CA SER B 130 17.37 18.51 -18.41
C SER B 130 16.42 18.12 -17.29
N GLU B 131 15.30 17.47 -17.62
CA GLU B 131 14.33 17.07 -16.61
C GLU B 131 14.85 15.90 -15.78
N ILE B 132 15.58 14.99 -16.41
CA ILE B 132 16.24 13.92 -15.66
C ILE B 132 17.26 14.50 -14.68
N THR B 133 18.04 15.49 -15.13
CA THR B 133 19.00 16.15 -14.24
C THR B 133 18.28 16.78 -13.04
N HIS B 134 17.12 17.41 -13.28
CA HIS B 134 16.36 17.95 -12.17
C HIS B 134 15.97 16.85 -11.19
N LEU B 135 15.55 15.67 -11.69
CA LEU B 135 15.16 14.58 -10.80
C LEU B 135 16.35 14.06 -9.99
N VAL B 136 17.54 13.99 -10.60
CA VAL B 136 18.73 13.62 -9.83
C VAL B 136 19.02 14.66 -8.77
N ASN B 137 18.91 15.95 -9.11
CA ASN B 137 19.17 16.99 -8.11
C ASN B 137 18.13 16.98 -7.00
N ALA B 138 16.90 16.57 -7.31
CA ALA B 138 15.83 16.48 -6.33
C ALA B 138 16.00 15.27 -5.41
N GLY B 139 16.79 14.28 -5.82
CA GLY B 139 16.92 13.06 -5.05
C GLY B 139 15.87 12.02 -5.37
N VAL B 140 15.11 12.21 -6.44
CA VAL B 140 14.08 11.25 -6.85
C VAL B 140 14.62 10.12 -7.71
N LEU B 141 15.74 10.33 -8.40
CA LEU B 141 16.45 9.27 -9.09
C LEU B 141 17.91 9.29 -8.67
N THR B 142 18.53 8.10 -8.64
CA THR B 142 19.97 7.98 -8.54
C THR B 142 20.46 7.05 -9.65
N VAL B 143 21.72 7.22 -10.06
CA VAL B 143 22.27 6.36 -11.10
C VAL B 143 22.30 4.90 -10.66
N ARG B 144 21.78 4.01 -11.52
CA ARG B 144 21.90 2.56 -11.33
C ARG B 144 23.08 1.99 -12.11
N ASP B 145 23.13 2.26 -13.40
CA ASP B 145 24.26 1.91 -14.28
C ASP B 145 24.27 2.94 -15.39
N ALA B 146 25.11 2.73 -16.40
CA ALA B 146 25.27 3.73 -17.46
C ALA B 146 24.01 3.98 -18.27
N GLY B 147 22.99 3.11 -18.16
CA GLY B 147 21.77 3.33 -18.91
C GLY B 147 20.50 3.32 -18.10
N SER B 148 20.56 3.51 -16.78
CA SER B 148 19.35 3.36 -15.98
C SER B 148 19.51 4.04 -14.63
N TRP B 149 18.36 4.21 -13.95
CA TRP B 149 18.27 4.92 -12.67
C TRP B 149 17.40 4.14 -11.70
N TRP B 150 17.74 4.26 -10.42
CA TRP B 150 16.88 3.77 -9.35
C TRP B 150 15.90 4.86 -8.90
N LEU B 151 14.66 4.46 -8.66
CA LEU B 151 13.76 5.28 -7.85
C LEU B 151 14.40 5.52 -6.49
N ALA B 152 14.35 6.78 -6.03
CA ALA B 152 15.02 7.16 -4.80
C ALA B 152 14.17 8.13 -3.99
N VAL B 153 14.51 8.26 -2.73
CA VAL B 153 13.81 9.10 -1.76
C VAL B 153 14.67 10.32 -1.46
N PRO B 154 14.19 11.54 -1.66
CA PRO B 154 15.02 12.70 -1.33
C PRO B 154 15.43 12.69 0.13
N GLY B 155 16.72 12.95 0.36
CA GLY B 155 17.30 12.95 1.67
C GLY B 155 17.66 11.58 2.22
N ALA B 156 17.48 10.52 1.45
CA ALA B 156 17.72 9.18 1.99
C ALA B 156 19.19 8.86 2.18
N GLY B 157 20.12 9.61 1.57
CA GLY B 157 21.52 9.34 1.81
C GLY B 157 21.86 9.39 3.29
N ARG B 158 21.30 10.38 4.00
CA ARG B 158 21.52 10.49 5.43
C ARG B 158 20.91 9.29 6.18
N PHE B 159 19.70 8.88 5.79
CA PHE B 159 19.09 7.68 6.35
C PHE B 159 19.99 6.47 6.15
N ILE B 160 20.55 6.31 4.95
CA ILE B 160 21.34 5.13 4.65
C ILE B 160 22.63 5.15 5.47
N LYS B 161 23.29 6.30 5.55
CA LYS B 161 24.49 6.43 6.36
C LYS B 161 24.20 6.06 7.81
N TYR B 162 23.11 6.60 8.38
CA TYR B 162 22.76 6.31 9.77
C TYR B 162 22.43 4.83 9.96
N PHE B 163 21.74 4.25 8.98
CA PHE B 163 21.36 2.85 9.09
C PHE B 163 22.61 1.96 9.07
N VAL B 164 23.52 2.19 8.10
CA VAL B 164 24.73 1.38 7.98
C VAL B 164 25.53 1.45 9.27
N LYS B 165 25.71 2.65 9.82
CA LYS B 165 26.50 2.78 11.04
C LYS B 165 25.79 2.16 12.23
N GLY B 166 24.47 2.35 12.31
CA GLY B 166 23.72 1.79 13.43
C GLY B 166 23.71 0.29 13.43
N ARG B 167 23.53 -0.33 12.27
N ARG B 167 23.66 -0.32 12.25
CA ARG B 167 23.62 -1.79 12.18
CA ARG B 167 23.62 -1.77 12.18
C ARG B 167 24.95 -2.28 12.70
C ARG B 167 24.95 -2.31 12.67
N GLN B 168 26.04 -1.65 12.26
CA GLN B 168 27.39 -2.02 12.71
C GLN B 168 27.50 -1.88 14.22
N ALA B 169 27.00 -0.76 14.77
CA ALA B 169 27.14 -0.52 16.19
C ALA B 169 26.38 -1.55 17.02
N VAL B 170 25.17 -1.92 16.59
CA VAL B 170 24.41 -2.89 17.36
C VAL B 170 25.08 -4.27 17.28
N LEU B 171 25.56 -4.66 16.11
CA LEU B 171 26.31 -5.90 16.00
C LEU B 171 27.54 -5.88 16.91
N SER B 172 28.20 -4.72 17.01
N SER B 172 28.19 -4.71 17.03
CA SER B 172 29.38 -4.60 17.87
CA SER B 172 29.38 -4.60 17.87
C SER B 172 29.02 -4.80 19.35
C SER B 172 29.03 -4.78 19.34
N MET B 173 27.82 -4.35 19.75
CA MET B 173 27.37 -4.58 21.12
C MET B 173 27.35 -6.07 21.43
N VAL B 174 26.88 -6.88 20.49
CA VAL B 174 26.88 -8.34 20.68
C VAL B 174 28.29 -8.89 20.58
N ARG B 175 29.06 -8.40 19.60
CA ARG B 175 30.41 -8.94 19.38
C ARG B 175 31.35 -8.69 20.55
N LYS B 176 31.20 -7.56 21.23
CA LYS B 176 32.07 -7.22 22.35
C LYS B 176 31.68 -7.94 23.63
N ALA B 177 30.47 -8.50 23.69
CA ALA B 177 30.02 -9.22 24.87
C ALA B 177 30.75 -10.55 24.97
N LYS B 178 30.74 -11.14 26.16
CA LYS B 178 31.43 -12.40 26.38
C LYS B 178 30.92 -13.48 25.42
N TYR B 179 31.85 -14.11 24.70
CA TYR B 179 31.57 -15.18 23.74
C TYR B 179 30.69 -14.73 22.57
N ARG B 180 30.65 -13.43 22.28
CA ARG B 180 29.93 -12.92 21.11
C ARG B 180 28.44 -13.30 21.15
N GLU B 181 27.83 -13.13 22.31
CA GLU B 181 26.43 -13.45 22.51
C GLU B 181 25.93 -12.53 23.62
N LEU B 182 24.64 -12.21 23.57
CA LEU B 182 24.07 -11.20 24.46
C LEU B 182 22.58 -11.47 24.59
N LEU B 183 22.07 -11.49 25.82
CA LEU B 183 20.64 -11.68 26.00
C LEU B 183 19.87 -10.56 25.31
N LEU B 184 18.75 -10.92 24.68
CA LEU B 184 17.89 -9.95 24.01
C LEU B 184 17.45 -8.84 24.95
N SER B 185 17.05 -9.19 26.17
N SER B 185 17.05 -9.19 26.17
CA SER B 185 16.61 -8.16 27.12
CA SER B 185 16.64 -8.16 27.14
C SER B 185 17.74 -7.23 27.52
C SER B 185 17.79 -7.23 27.52
N GLU B 186 18.96 -7.75 27.61
N GLU B 186 19.00 -7.75 27.62
CA GLU B 186 20.11 -6.90 27.94
CA GLU B 186 20.14 -6.91 27.94
C GLU B 186 20.43 -5.95 26.81
C GLU B 186 20.46 -5.95 26.80
N LEU B 187 20.33 -6.42 25.56
CA LEU B 187 20.55 -5.54 24.42
C LEU B 187 19.47 -4.46 24.34
N LEU B 188 18.19 -4.85 24.44
CA LEU B 188 17.10 -3.89 24.31
C LEU B 188 17.03 -2.96 25.50
N GLY B 189 17.53 -3.39 26.66
CA GLY B 189 17.34 -2.67 27.92
C GLY B 189 18.40 -1.64 28.24
N ARG B 190 18.56 -0.71 27.33
CA ARG B 190 19.50 0.38 27.51
C ARG B 190 19.08 1.53 26.61
N ARG B 191 19.71 2.67 26.85
CA ARG B 191 19.55 3.82 25.98
C ARG B 191 20.48 3.64 24.79
N ALA B 192 19.98 3.96 23.60
CA ALA B 192 20.73 3.70 22.39
C ALA B 192 22.03 4.52 22.39
N PRO B 193 23.15 3.92 22.00
CA PRO B 193 24.34 4.71 21.70
C PRO B 193 24.01 5.88 20.77
N VAL B 194 24.81 6.95 20.86
CA VAL B 194 24.57 8.10 20.01
C VAL B 194 24.65 7.71 18.54
N VAL B 195 25.48 6.72 18.21
CA VAL B 195 25.62 6.35 16.81
C VAL B 195 24.42 5.54 16.30
N VAL B 196 23.60 5.01 17.18
CA VAL B 196 22.39 4.28 16.78
C VAL B 196 21.20 5.23 16.65
N ARG B 197 21.23 6.06 15.61
CA ARG B 197 20.27 7.15 15.52
C ARG B 197 18.85 6.70 15.23
N LEU B 198 18.67 5.56 14.57
CA LEU B 198 17.33 5.11 14.18
C LEU B 198 16.64 4.29 15.24
N GLY B 199 17.32 3.92 16.32
CA GLY B 199 16.70 3.22 17.43
C GLY B 199 17.14 1.78 17.56
N LEU B 200 17.31 1.32 18.81
CA LEU B 200 17.79 -0.05 19.02
C LEU B 200 16.76 -1.08 18.56
N THR B 201 15.49 -0.91 18.94
CA THR B 201 14.50 -1.91 18.56
C THR B 201 14.34 -2.02 17.05
N TYR B 202 14.28 -0.88 16.35
CA TYR B 202 14.26 -0.84 14.88
C TYR B 202 15.42 -1.68 14.33
N HIS B 203 16.62 -1.47 14.86
CA HIS B 203 17.78 -2.21 14.37
C HIS B 203 17.74 -3.69 14.73
N VAL B 204 17.21 -4.04 15.91
CA VAL B 204 17.15 -5.46 16.28
C VAL B 204 16.21 -6.23 15.36
N HIS B 205 15.07 -5.67 14.98
CA HIS B 205 14.21 -6.37 14.01
C HIS B 205 14.95 -6.65 12.71
N ASP B 206 15.76 -5.70 12.25
CA ASP B 206 16.54 -5.89 11.04
C ASP B 206 17.53 -7.05 11.21
N LEU B 207 18.25 -7.07 12.33
CA LEU B 207 19.25 -8.12 12.51
C LEU B 207 18.61 -9.50 12.58
N ILE B 208 17.47 -9.60 13.28
CA ILE B 208 16.79 -10.89 13.39
C ILE B 208 16.25 -11.32 12.04
N GLY B 209 15.58 -10.41 11.33
CA GLY B 209 14.98 -10.78 10.06
C GLY B 209 15.99 -11.13 8.99
N ALA B 210 17.15 -10.43 8.99
CA ALA B 210 18.22 -10.72 8.04
C ALA B 210 19.11 -11.89 8.47
N GLN B 211 18.85 -12.46 9.64
CA GLN B 211 19.65 -13.58 10.15
C GLN B 211 21.09 -13.19 10.39
N LEU B 212 21.31 -11.93 10.76
CA LEU B 212 22.63 -11.44 11.13
C LEU B 212 22.92 -11.71 12.59
N VAL B 213 21.90 -12.07 13.36
CA VAL B 213 22.02 -12.69 14.67
C VAL B 213 21.16 -13.92 14.66
N ASP B 214 21.57 -14.93 15.43
CA ASP B 214 20.78 -16.14 15.71
C ASP B 214 20.15 -15.99 17.08
N SER B 215 18.93 -16.55 17.23
CA SER B 215 18.14 -16.46 18.47
C SER B 215 18.08 -17.84 19.10
N ILE B 216 18.55 -17.95 20.35
CA ILE B 216 18.67 -19.20 21.09
C ILE B 216 17.78 -19.09 22.33
N SER B 217 16.98 -20.13 22.60
N SER B 217 16.98 -20.13 22.60
CA SER B 217 16.18 -20.14 23.82
CA SER B 217 16.17 -20.13 23.83
C SER B 217 17.01 -20.64 25.01
C SER B 217 17.01 -20.63 24.99
N THR B 218 17.02 -19.89 26.10
CA THR B 218 17.76 -20.30 27.29
C THR B 218 16.91 -20.08 28.52
N THR B 219 17.31 -20.70 29.61
CA THR B 219 16.60 -20.51 30.87
C THR B 219 16.80 -19.11 31.44
N SER B 220 17.65 -18.29 30.82
CA SER B 220 17.78 -16.88 31.14
C SER B 220 17.00 -15.97 30.18
N GLY B 221 16.28 -16.53 29.21
CA GLY B 221 15.62 -15.75 28.19
C GLY B 221 16.26 -15.94 26.83
N THR B 222 15.72 -15.23 25.84
CA THR B 222 16.23 -15.32 24.48
C THR B 222 17.65 -14.73 24.42
N LEU B 223 18.55 -15.50 23.83
CA LEU B 223 19.97 -15.13 23.72
C LEU B 223 20.28 -14.87 22.23
N LEU B 224 20.88 -13.71 21.94
CA LEU B 224 21.33 -13.40 20.58
C LEU B 224 22.77 -13.83 20.43
N ARG B 225 23.07 -14.54 19.37
CA ARG B 225 24.40 -15.07 19.15
C ARG B 225 24.81 -14.74 17.73
N LEU B 226 26.03 -14.26 17.54
CA LEU B 226 26.47 -14.00 16.17
C LEU B 226 26.71 -15.33 15.45
N PRO B 227 26.30 -15.44 14.19
CA PRO B 227 26.54 -16.66 13.43
C PRO B 227 27.98 -16.74 12.96
N GLU B 228 28.43 -17.98 12.78
CA GLU B 228 29.76 -18.20 12.23
C GLU B 228 29.83 -17.78 10.77
N THR B 229 28.76 -18.02 10.01
CA THR B 229 28.74 -17.63 8.62
C THR B 229 27.34 -17.15 8.20
#